data_6EIH
#
_entry.id   6EIH
#
_cell.length_a   79.290
_cell.length_b   81.186
_cell.length_c   81.050
_cell.angle_alpha   90.000
_cell.angle_beta   90.000
_cell.angle_gamma   90.000
#
_symmetry.space_group_name_H-M   'C 2 2 21'
#
loop_
_entity.id
_entity.type
_entity.pdbx_description
1 polymer '14-3-3 protein epsilon'
2 polymer SER-ILE-SEP-ARG
3 water water
#
loop_
_entity_poly.entity_id
_entity_poly.type
_entity_poly.pdbx_seq_one_letter_code
_entity_poly.pdbx_strand_id
1 'polypeptide(L)'
;DREDLVYQAKLAEQAERYDEMVESMKKVAGMDVELTVEERNLLSVAYKNVIGARRASWRIISSIEQKEENKGGEDKLKMI
REYRQMVETELKLICCDILDVLDKHLIPAANTGESKVFYYKMKGDYHRYLAEFATGNDRKEAAENSLVAYKAASDIAMTE
LPPTHPIRLGLALNFSVFYYEILNSPDRACRLAKAAFDDAIAELDTLSEESYKDSTLIMQLLRDNLTLWT
;
A
2 'polypeptide(L)' SI(SEP)R P
#
# COMPACT_ATOMS: atom_id res chain seq x y z
N ASP A 1 -9.15 -18.10 -20.83
CA ASP A 1 -8.01 -17.15 -21.02
C ASP A 1 -7.77 -16.29 -19.79
N ARG A 2 -8.85 -16.00 -19.07
CA ARG A 2 -8.75 -15.46 -17.70
C ARG A 2 -8.06 -16.45 -16.78
N GLU A 3 -8.38 -17.73 -16.94
CA GLU A 3 -7.76 -18.76 -16.11
C GLU A 3 -6.28 -18.93 -16.43
N ASP A 4 -5.91 -18.69 -17.69
CA ASP A 4 -4.53 -18.75 -18.15
C ASP A 4 -3.70 -17.60 -17.66
N LEU A 5 -4.27 -16.40 -17.74
CA LEU A 5 -3.58 -15.23 -17.19
C LEU A 5 -3.25 -15.42 -15.68
N VAL A 6 -4.20 -15.98 -14.93
CA VAL A 6 -3.98 -16.28 -13.50
C VAL A 6 -2.89 -17.32 -13.29
N TYR A 7 -2.84 -18.31 -14.16
CA TYR A 7 -1.84 -19.36 -14.08
C TYR A 7 -0.47 -18.81 -14.42
N GLN A 8 -0.42 -17.91 -15.40
CA GLN A 8 0.84 -17.35 -15.82
C GLN A 8 1.37 -16.47 -14.68
N ALA A 9 0.46 -15.70 -14.08
CA ALA A 9 0.72 -14.92 -12.86
C ALA A 9 1.36 -15.76 -11.74
N LYS A 10 0.82 -16.96 -11.53
CA LYS A 10 1.39 -17.87 -10.56
C LYS A 10 2.77 -18.40 -10.95
N LEU A 11 2.94 -18.79 -12.22
CA LEU A 11 4.24 -19.20 -12.72
C LEU A 11 5.28 -18.10 -12.53
N ALA A 12 4.87 -16.88 -12.79
CA ALA A 12 5.80 -15.77 -12.73
C ALA A 12 6.19 -15.55 -11.27
N GLU A 13 5.20 -15.65 -10.39
CA GLU A 13 5.44 -15.55 -8.97
C GLU A 13 6.48 -16.56 -8.45
N GLN A 14 6.29 -17.85 -8.74
CA GLN A 14 7.23 -18.89 -8.31
C GLN A 14 8.64 -18.59 -8.84
N ALA A 15 8.73 -18.26 -10.13
CA ALA A 15 9.99 -17.82 -10.74
C ALA A 15 10.55 -16.48 -10.22
N GLU A 16 9.83 -15.80 -9.34
CA GLU A 16 10.23 -14.53 -8.79
C GLU A 16 10.45 -13.50 -9.88
N ARG A 17 9.58 -13.50 -10.88
CA ARG A 17 9.68 -12.57 -12.02
C ARG A 17 8.42 -11.71 -12.02
N TYR A 18 8.51 -10.62 -11.28
CA TYR A 18 7.33 -9.91 -10.83
C TYR A 18 6.74 -8.96 -11.89
N ASP A 19 7.61 -8.51 -12.79
CA ASP A 19 7.22 -7.59 -13.88
C ASP A 19 6.15 -8.21 -14.76
N GLU A 20 6.33 -9.48 -15.02
CA GLU A 20 5.41 -10.27 -15.81
C GLU A 20 4.20 -10.68 -15.01
N MET A 21 4.37 -10.92 -13.72
CA MET A 21 3.23 -11.16 -12.86
C MET A 21 2.31 -9.93 -12.87
N VAL A 22 2.88 -8.73 -12.98
CA VAL A 22 2.10 -7.49 -13.07
C VAL A 22 1.40 -7.45 -14.42
N GLU A 23 2.15 -7.68 -15.50
CA GLU A 23 1.56 -7.75 -16.83
C GLU A 23 0.36 -8.69 -16.92
N SER A 24 0.50 -9.91 -16.38
CA SER A 24 -0.58 -10.90 -16.37
C SER A 24 -1.82 -10.36 -15.66
N MET A 25 -1.63 -9.80 -14.47
CA MET A 25 -2.75 -9.37 -13.63
C MET A 25 -3.40 -8.06 -14.12
N LYS A 26 -2.60 -7.12 -14.65
CA LYS A 26 -3.14 -5.97 -15.40
C LYS A 26 -4.17 -6.39 -16.45
N LYS A 27 -3.81 -7.33 -17.31
CA LYS A 27 -4.74 -7.87 -18.30
C LYS A 27 -6.03 -8.36 -17.67
N VAL A 28 -5.93 -9.06 -16.55
CA VAL A 28 -7.11 -9.58 -15.88
C VAL A 28 -7.97 -8.42 -15.34
N ALA A 29 -7.33 -7.37 -14.83
CA ALA A 29 -8.04 -6.15 -14.34
C ALA A 29 -8.71 -5.37 -15.49
N GLY A 30 -8.10 -5.45 -16.68
CA GLY A 30 -8.59 -4.80 -17.89
C GLY A 30 -9.86 -5.37 -18.45
N MET A 31 -10.26 -6.57 -17.99
CA MET A 31 -11.51 -7.22 -18.35
C MET A 31 -12.78 -6.67 -17.64
N ASP A 32 -12.65 -5.65 -16.79
CA ASP A 32 -13.79 -4.99 -16.16
C ASP A 32 -14.80 -5.96 -15.55
N VAL A 33 -14.26 -6.80 -14.70
CA VAL A 33 -15.01 -7.76 -13.90
C VAL A 33 -14.60 -7.60 -12.44
N GLU A 34 -15.41 -8.13 -11.56
CA GLU A 34 -15.03 -8.29 -10.17
C GLU A 34 -13.99 -9.41 -10.13
N LEU A 35 -12.84 -9.11 -9.53
CA LEU A 35 -11.78 -10.09 -9.39
C LEU A 35 -12.07 -10.96 -8.19
N THR A 36 -11.64 -12.21 -8.28
CA THR A 36 -11.68 -13.13 -7.18
C THR A 36 -10.68 -12.63 -6.13
N VAL A 37 -10.89 -13.06 -4.89
CA VAL A 37 -9.94 -12.84 -3.75
C VAL A 37 -8.51 -13.26 -4.14
N GLU A 38 -8.40 -14.39 -4.82
CA GLU A 38 -7.12 -14.87 -5.30
C GLU A 38 -6.44 -13.85 -6.22
N GLU A 39 -7.20 -13.40 -7.22
CA GLU A 39 -6.72 -12.46 -8.20
C GLU A 39 -6.45 -11.06 -7.59
N ARG A 40 -7.20 -10.66 -6.56
CA ARG A 40 -6.86 -9.43 -5.84
C ARG A 40 -5.50 -9.61 -5.14
N ASN A 41 -5.31 -10.76 -4.49
CA ASN A 41 -4.04 -10.99 -3.80
C ASN A 41 -2.87 -11.10 -4.77
N LEU A 42 -3.09 -11.74 -5.92
CA LEU A 42 -2.06 -11.83 -6.94
C LEU A 42 -1.68 -10.46 -7.47
N LEU A 43 -2.68 -9.60 -7.72
CA LEU A 43 -2.41 -8.25 -8.22
C LEU A 43 -1.58 -7.47 -7.20
N SER A 44 -2.09 -7.48 -5.98
CA SER A 44 -1.47 -6.83 -4.84
C SER A 44 0.02 -7.24 -4.63
N VAL A 45 0.26 -8.55 -4.63
CA VAL A 45 1.61 -9.10 -4.47
C VAL A 45 2.49 -8.74 -5.64
N ALA A 46 1.96 -8.86 -6.87
CA ALA A 46 2.67 -8.39 -8.06
C ALA A 46 3.10 -6.92 -7.91
N TYR A 47 2.16 -6.02 -7.62
CA TYR A 47 2.55 -4.63 -7.55
C TYR A 47 3.36 -4.32 -6.33
N LYS A 48 3.12 -4.99 -5.21
CA LYS A 48 3.98 -4.76 -4.02
C LYS A 48 5.48 -5.13 -4.24
N ASN A 49 5.77 -6.23 -4.92
CA ASN A 49 7.17 -6.61 -5.16
C ASN A 49 7.88 -5.67 -6.13
N VAL A 50 7.18 -5.32 -7.19
CA VAL A 50 7.72 -4.36 -8.14
C VAL A 50 8.02 -2.99 -7.48
N ILE A 51 7.05 -2.40 -6.75
CA ILE A 51 7.28 -1.11 -6.02
C ILE A 51 8.26 -1.31 -4.85
N GLY A 52 8.20 -2.46 -4.20
CA GLY A 52 8.98 -2.78 -3.01
C GLY A 52 10.45 -2.62 -3.28
N ALA A 53 10.88 -3.26 -4.36
CA ALA A 53 12.27 -3.15 -4.88
C ALA A 53 12.83 -1.72 -5.03
N ARG A 54 12.04 -0.82 -5.62
CA ARG A 54 12.47 0.57 -5.79
C ARG A 54 12.45 1.34 -4.51
N ARG A 55 11.45 1.08 -3.69
CA ARG A 55 11.40 1.71 -2.36
C ARG A 55 12.66 1.35 -1.54
N ALA A 56 13.07 0.08 -1.61
CA ALA A 56 14.29 -0.37 -0.95
C ALA A 56 15.55 0.29 -1.51
N SER A 57 15.62 0.43 -2.83
CA SER A 57 16.74 1.10 -3.49
C SER A 57 16.78 2.57 -3.12
N TRP A 58 15.60 3.20 -3.13
CA TRP A 58 15.50 4.63 -2.80
C TRP A 58 16.04 4.90 -1.39
N ARG A 59 15.74 4.04 -0.42
CA ARG A 59 16.22 4.27 0.96
C ARG A 59 17.73 4.09 1.06
N ILE A 60 18.22 2.98 0.52
CA ILE A 60 19.65 2.73 0.46
C ILE A 60 20.37 3.94 -0.14
N ILE A 61 19.87 4.45 -1.26
CA ILE A 61 20.51 5.60 -1.95
C ILE A 61 20.41 6.90 -1.14
N SER A 62 19.27 7.11 -0.48
CA SER A 62 19.11 8.26 0.42
C SER A 62 20.08 8.21 1.57
N SER A 63 20.22 7.04 2.21
CA SER A 63 21.17 6.86 3.31
C SER A 63 22.56 7.25 2.91
N ILE A 64 22.96 6.88 1.70
CA ILE A 64 24.28 7.19 1.19
C ILE A 64 24.43 8.68 0.84
N GLU A 65 23.35 9.27 0.31
CA GLU A 65 23.28 10.72 0.13
C GLU A 65 23.51 11.46 1.45
N GLN A 66 22.75 11.06 2.46
CA GLN A 66 22.90 11.62 3.81
C GLN A 66 24.29 11.49 4.35
N LYS A 67 24.94 10.33 4.13
CA LYS A 67 26.35 10.13 4.49
C LYS A 67 27.24 11.11 3.76
N GLU A 68 27.08 11.19 2.45
CA GLU A 68 27.96 12.09 1.70
C GLU A 68 27.65 13.54 1.99
N GLU A 69 26.41 13.83 2.40
CA GLU A 69 26.05 15.17 2.82
C GLU A 69 26.81 15.63 4.06
N ASN A 70 26.95 14.76 5.07
CA ASN A 70 27.67 15.11 6.31
C ASN A 70 29.19 15.14 6.18
N LYS A 71 29.74 14.44 5.20
CA LYS A 71 31.18 14.47 4.94
C LYS A 71 31.53 15.57 3.93
N GLY A 72 30.51 16.17 3.32
CA GLY A 72 30.72 17.22 2.33
C GLY A 72 31.38 16.74 1.05
N GLY A 73 31.25 15.45 0.73
CA GLY A 73 31.79 14.90 -0.51
C GLY A 73 30.93 15.24 -1.72
N GLU A 74 31.10 16.44 -2.27
CA GLU A 74 30.19 16.98 -3.30
C GLU A 74 30.31 16.35 -4.70
N ASP A 75 31.44 15.72 -5.04
CA ASP A 75 31.62 15.08 -6.37
C ASP A 75 30.72 13.87 -6.52
N LYS A 76 30.67 13.07 -5.45
CA LYS A 76 29.87 11.85 -5.39
C LYS A 76 28.37 12.15 -5.37
N LEU A 77 28.01 13.16 -4.58
CA LEU A 77 26.64 13.65 -4.44
C LEU A 77 25.90 13.92 -5.75
N LYS A 78 26.62 14.42 -6.76
CA LYS A 78 26.02 14.57 -8.08
C LYS A 78 25.52 13.23 -8.59
N MET A 79 26.41 12.23 -8.56
CA MET A 79 26.04 10.86 -8.94
C MET A 79 24.94 10.29 -8.06
N ILE A 80 25.04 10.48 -6.74
CA ILE A 80 24.03 9.91 -5.84
C ILE A 80 22.65 10.45 -6.22
N ARG A 81 22.57 11.76 -6.39
CA ARG A 81 21.34 12.46 -6.74
C ARG A 81 20.73 12.07 -8.05
N GLU A 82 21.54 12.05 -9.11
CA GLU A 82 21.08 11.54 -10.41
C GLU A 82 20.45 10.15 -10.27
N TYR A 83 21.03 9.33 -9.40
CA TYR A 83 20.61 7.94 -9.23
C TYR A 83 19.30 7.86 -8.42
N ARG A 84 19.23 8.61 -7.31
CA ARG A 84 17.96 8.77 -6.56
C ARG A 84 16.82 9.21 -7.47
N GLN A 85 17.10 10.18 -8.32
CA GLN A 85 16.11 10.74 -9.23
C GLN A 85 15.66 9.75 -10.28
N MET A 86 16.57 8.96 -10.81
CA MET A 86 16.17 7.91 -11.75
C MET A 86 15.15 6.95 -11.09
N VAL A 87 15.42 6.59 -9.84
CA VAL A 87 14.60 5.63 -9.08
C VAL A 87 13.23 6.23 -8.73
N GLU A 88 13.22 7.52 -8.35
CA GLU A 88 11.99 8.31 -8.16
C GLU A 88 11.13 8.25 -9.41
N THR A 89 11.75 8.38 -10.57
CA THR A 89 11.02 8.26 -11.86
C THR A 89 10.38 6.88 -12.08
N GLU A 90 11.09 5.84 -11.70
CA GLU A 90 10.53 4.51 -11.74
C GLU A 90 9.32 4.36 -10.81
N LEU A 91 9.51 4.74 -9.55
CA LEU A 91 8.44 4.80 -8.55
C LEU A 91 7.17 5.55 -9.02
N LYS A 92 7.36 6.73 -9.62
CA LYS A 92 6.25 7.53 -10.18
C LYS A 92 5.49 6.74 -11.23
N LEU A 93 6.24 6.16 -12.17
CA LEU A 93 5.67 5.38 -13.26
C LEU A 93 4.93 4.17 -12.77
N ILE A 94 5.53 3.44 -11.84
CA ILE A 94 4.89 2.24 -11.32
C ILE A 94 3.60 2.62 -10.59
N CYS A 95 3.66 3.65 -9.73
CA CYS A 95 2.49 4.11 -8.98
C CYS A 95 1.41 4.65 -9.91
N CYS A 96 1.78 5.44 -10.92
CA CYS A 96 0.78 5.96 -11.87
C CYS A 96 0.08 4.86 -12.65
N ASP A 97 0.84 3.83 -13.01
CA ASP A 97 0.32 2.66 -13.70
C ASP A 97 -0.84 2.00 -12.93
N ILE A 98 -0.60 1.64 -11.67
CA ILE A 98 -1.60 0.95 -10.88
C ILE A 98 -2.74 1.88 -10.49
N LEU A 99 -2.41 3.11 -10.11
CA LEU A 99 -3.44 4.12 -9.82
C LEU A 99 -4.40 4.28 -10.98
N ASP A 100 -3.86 4.20 -12.20
CA ASP A 100 -4.67 4.28 -13.39
C ASP A 100 -5.57 3.06 -13.55
N VAL A 101 -4.97 1.87 -13.50
CA VAL A 101 -5.74 0.63 -13.50
C VAL A 101 -6.85 0.60 -12.45
N LEU A 102 -6.60 1.21 -11.30
CA LEU A 102 -7.62 1.26 -10.27
C LEU A 102 -8.79 2.14 -10.68
N ASP A 103 -8.47 3.36 -11.11
CA ASP A 103 -9.50 4.35 -11.47
C ASP A 103 -10.28 3.98 -12.68
N LYS A 104 -9.62 3.42 -13.68
CA LYS A 104 -10.30 3.14 -14.95
C LYS A 104 -10.95 1.77 -15.03
N HIS A 105 -10.62 0.83 -14.13
CA HIS A 105 -11.09 -0.56 -14.26
C HIS A 105 -11.61 -1.18 -12.98
N LEU A 106 -10.74 -1.25 -11.97
CA LEU A 106 -10.99 -2.01 -10.73
C LEU A 106 -12.07 -1.40 -9.85
N ILE A 107 -11.88 -0.13 -9.51
CA ILE A 107 -12.86 0.62 -8.72
C ILE A 107 -14.22 0.71 -9.45
N PRO A 108 -14.25 1.15 -10.73
CA PRO A 108 -15.53 1.11 -11.46
C PRO A 108 -16.27 -0.24 -11.44
N ALA A 109 -15.57 -1.32 -11.65
CA ALA A 109 -16.17 -2.65 -11.77
C ALA A 109 -16.32 -3.38 -10.43
N ALA A 110 -15.99 -2.72 -9.31
CA ALA A 110 -16.13 -3.35 -8.00
C ALA A 110 -17.58 -3.29 -7.55
N ASN A 111 -18.03 -4.38 -6.97
CA ASN A 111 -19.44 -4.56 -6.61
C ASN A 111 -19.70 -5.18 -5.23
N THR A 112 -18.66 -5.57 -4.49
CA THR A 112 -18.79 -5.97 -3.07
C THR A 112 -18.07 -4.95 -2.21
N GLY A 113 -18.42 -4.90 -0.94
CA GLY A 113 -17.76 -4.01 0.00
C GLY A 113 -16.27 -4.32 0.17
N GLU A 114 -15.94 -5.61 0.32
CA GLU A 114 -14.56 -6.10 0.43
C GLU A 114 -13.66 -5.56 -0.65
N SER A 115 -14.09 -5.67 -1.89
CA SER A 115 -13.26 -5.23 -3.02
C SER A 115 -13.15 -3.71 -3.08
N LYS A 116 -14.23 -3.00 -2.75
CA LYS A 116 -14.24 -1.55 -2.75
C LYS A 116 -13.30 -1.00 -1.70
N VAL A 117 -13.35 -1.58 -0.50
CA VAL A 117 -12.42 -1.23 0.56
C VAL A 117 -10.98 -1.53 0.17
N PHE A 118 -10.76 -2.71 -0.43
CA PHE A 118 -9.43 -3.13 -0.93
C PHE A 118 -8.87 -2.11 -1.94
N TYR A 119 -9.69 -1.74 -2.92
CA TYR A 119 -9.18 -0.92 -4.02
C TYR A 119 -8.95 0.54 -3.59
N TYR A 120 -9.84 1.10 -2.79
CA TYR A 120 -9.61 2.46 -2.31
C TYR A 120 -8.43 2.46 -1.34
N LYS A 121 -8.27 1.38 -0.58
CA LYS A 121 -7.11 1.26 0.33
C LYS A 121 -5.82 1.16 -0.47
N MET A 122 -5.87 0.40 -1.54
CA MET A 122 -4.72 0.28 -2.42
C MET A 122 -4.35 1.66 -2.97
N LYS A 123 -5.36 2.39 -3.43
CA LYS A 123 -5.18 3.72 -3.97
C LYS A 123 -4.57 4.66 -2.93
N GLY A 124 -5.06 4.61 -1.70
CA GLY A 124 -4.41 5.33 -0.60
C GLY A 124 -2.93 4.97 -0.41
N ASP A 125 -2.65 3.67 -0.49
CA ASP A 125 -1.28 3.18 -0.33
C ASP A 125 -0.36 3.76 -1.39
N TYR A 126 -0.79 3.66 -2.65
CA TYR A 126 0.07 4.08 -3.76
C TYR A 126 0.28 5.59 -3.85
N HIS A 127 -0.76 6.38 -3.55
CA HIS A 127 -0.53 7.83 -3.37
C HIS A 127 0.44 8.07 -2.21
N ARG A 128 0.32 7.29 -1.13
CA ARG A 128 1.23 7.45 0.01
C ARG A 128 2.68 7.18 -0.38
N TYR A 129 2.91 6.21 -1.27
CA TYR A 129 4.27 5.93 -1.73
C TYR A 129 4.79 7.10 -2.57
N LEU A 130 3.94 7.66 -3.42
CA LEU A 130 4.32 8.88 -4.17
C LEU A 130 4.77 9.96 -3.20
N ALA A 131 4.04 10.09 -2.09
CA ALA A 131 4.30 11.10 -1.09
C ALA A 131 5.51 10.81 -0.25
N GLU A 132 5.87 9.54 -0.07
CA GLU A 132 7.09 9.19 0.69
C GLU A 132 8.36 9.95 0.28
N PHE A 133 8.53 10.19 -1.01
CA PHE A 133 9.72 10.84 -1.59
C PHE A 133 9.46 12.16 -2.31
N ALA A 134 8.19 12.55 -2.42
CA ALA A 134 7.84 13.84 -3.02
C ALA A 134 8.20 14.99 -2.08
N THR A 135 8.48 16.15 -2.68
CA THR A 135 8.69 17.41 -1.99
C THR A 135 7.63 18.43 -2.41
N GLY A 136 7.40 19.39 -1.52
CA GLY A 136 6.70 20.62 -1.84
C GLY A 136 5.27 20.33 -2.22
N ASN A 137 4.86 20.84 -3.38
CA ASN A 137 3.47 20.74 -3.84
C ASN A 137 3.06 19.34 -4.25
N ASP A 138 3.99 18.63 -4.88
CA ASP A 138 3.76 17.22 -5.28
C ASP A 138 3.47 16.37 -4.03
N ARG A 139 4.18 16.64 -2.94
CA ARG A 139 3.94 15.99 -1.68
C ARG A 139 2.51 16.26 -1.18
N LYS A 140 2.11 17.54 -1.21
CA LYS A 140 0.77 17.95 -0.85
C LYS A 140 -0.31 17.16 -1.62
N GLU A 141 -0.12 17.02 -2.93
CA GLU A 141 -1.13 16.47 -3.83
C GLU A 141 -1.39 14.99 -3.53
N ALA A 142 -0.29 14.26 -3.41
CA ALA A 142 -0.31 12.86 -2.99
C ALA A 142 -0.94 12.68 -1.59
N ALA A 143 -0.54 13.52 -0.63
CA ALA A 143 -1.21 13.55 0.68
C ALA A 143 -2.75 13.74 0.59
N GLU A 144 -3.22 14.74 -0.20
CA GLU A 144 -4.67 15.01 -0.31
C GLU A 144 -5.34 13.81 -0.94
N ASN A 145 -4.73 13.30 -2.01
CA ASN A 145 -5.29 12.15 -2.73
C ASN A 145 -5.35 10.87 -1.88
N SER A 146 -4.22 10.57 -1.23
CA SER A 146 -4.09 9.48 -0.25
C SER A 146 -5.11 9.60 0.92
N LEU A 147 -5.23 10.77 1.52
CA LEU A 147 -6.25 11.00 2.56
C LEU A 147 -7.64 10.68 2.03
N VAL A 148 -7.95 11.28 0.88
CA VAL A 148 -9.26 11.11 0.26
C VAL A 148 -9.57 9.63 -0.02
N ALA A 149 -8.60 8.88 -0.56
CA ALA A 149 -8.83 7.45 -0.81
C ALA A 149 -8.97 6.63 0.51
N TYR A 150 -8.18 6.99 1.51
CA TYR A 150 -8.24 6.27 2.78
C TYR A 150 -9.56 6.57 3.50
N LYS A 151 -10.10 7.79 3.33
CA LYS A 151 -11.39 8.14 3.92
C LYS A 151 -12.50 7.37 3.24
N ALA A 152 -12.45 7.30 1.91
CA ALA A 152 -13.39 6.52 1.12
C ALA A 152 -13.41 5.03 1.45
N ALA A 153 -12.25 4.41 1.52
CA ALA A 153 -12.12 3.03 2.02
C ALA A 153 -12.67 2.87 3.45
N SER A 154 -12.42 3.87 4.31
CA SER A 154 -12.91 3.90 5.70
C SER A 154 -14.43 3.98 5.81
N ASP A 155 -15.05 4.85 5.01
CA ASP A 155 -16.49 5.04 4.99
C ASP A 155 -17.14 3.69 4.69
N ILE A 156 -16.72 3.04 3.61
CA ILE A 156 -17.31 1.76 3.21
C ILE A 156 -16.99 0.68 4.24
N ALA A 157 -15.77 0.69 4.79
CA ALA A 157 -15.33 -0.38 5.71
C ALA A 157 -16.07 -0.34 7.03
N MET A 158 -16.16 0.86 7.59
CA MET A 158 -16.90 1.09 8.83
C MET A 158 -18.31 0.56 8.76
N THR A 159 -19.03 0.81 7.68
CA THR A 159 -20.40 0.28 7.56
C THR A 159 -20.50 -1.20 7.17
N GLU A 160 -19.48 -1.77 6.53
CA GLU A 160 -19.60 -3.06 5.83
C GLU A 160 -18.69 -4.22 6.19
N LEU A 161 -17.71 -4.02 7.05
CA LEU A 161 -16.84 -5.12 7.38
C LEU A 161 -16.79 -5.22 8.88
N PRO A 162 -16.90 -6.44 9.42
CA PRO A 162 -16.62 -6.52 10.85
C PRO A 162 -15.28 -5.86 11.20
N PRO A 163 -15.18 -5.29 12.40
CA PRO A 163 -13.89 -4.70 12.82
C PRO A 163 -12.68 -5.68 12.83
N THR A 164 -12.93 -6.98 12.84
CA THR A 164 -11.87 -7.99 12.73
C THR A 164 -11.36 -8.30 11.31
N HIS A 165 -12.13 -7.88 10.30
CA HIS A 165 -11.79 -8.19 8.91
C HIS A 165 -10.39 -7.66 8.64
N PRO A 166 -9.51 -8.52 8.08
CA PRO A 166 -8.12 -8.11 7.88
C PRO A 166 -7.93 -6.91 6.93
N ILE A 167 -8.71 -6.84 5.88
CA ILE A 167 -8.75 -5.64 5.02
C ILE A 167 -9.08 -4.34 5.81
N ARG A 168 -10.13 -4.39 6.64
CA ARG A 168 -10.42 -3.25 7.52
C ARG A 168 -9.26 -2.87 8.45
N LEU A 169 -8.67 -3.89 9.07
CA LEU A 169 -7.53 -3.72 9.96
C LEU A 169 -6.33 -3.23 9.20
N GLY A 170 -6.12 -3.81 8.01
CA GLY A 170 -4.99 -3.42 7.17
C GLY A 170 -5.17 -1.99 6.76
N LEU A 171 -6.41 -1.63 6.48
CA LEU A 171 -6.76 -0.25 6.17
C LEU A 171 -6.42 0.66 7.34
N ALA A 172 -6.84 0.30 8.55
CA ALA A 172 -6.52 1.11 9.75
C ALA A 172 -5.04 1.27 9.97
N LEU A 173 -4.34 0.15 9.90
CA LEU A 173 -2.89 0.12 10.04
C LEU A 173 -2.24 1.17 9.13
N ASN A 174 -2.50 1.07 7.83
CA ASN A 174 -1.83 1.92 6.85
C ASN A 174 -2.31 3.36 6.90
N PHE A 175 -3.57 3.56 7.24
CA PHE A 175 -4.14 4.89 7.32
C PHE A 175 -3.54 5.63 8.53
N SER A 176 -3.28 4.90 9.60
CA SER A 176 -2.59 5.45 10.76
C SER A 176 -1.09 5.67 10.48
N VAL A 177 -0.47 4.74 9.77
CA VAL A 177 0.88 4.97 9.26
C VAL A 177 0.91 6.25 8.40
N PHE A 178 -0.08 6.42 7.54
CA PHE A 178 -0.19 7.62 6.71
C PHE A 178 -0.17 8.88 7.56
N TYR A 179 -1.07 8.95 8.56
CA TYR A 179 -1.15 10.09 9.51
C TYR A 179 0.17 10.37 10.22
N TYR A 180 0.94 9.33 10.54
CA TYR A 180 2.18 9.50 11.27
C TYR A 180 3.30 9.93 10.34
N GLU A 181 3.58 9.14 9.31
CA GLU A 181 4.71 9.40 8.42
C GLU A 181 4.45 10.53 7.40
N ILE A 182 3.20 10.81 7.06
CA ILE A 182 2.93 11.76 5.97
C ILE A 182 2.31 13.06 6.49
N LEU A 183 1.18 13.00 7.20
CA LEU A 183 0.65 14.21 7.82
C LEU A 183 1.37 14.64 9.11
N ASN A 184 2.35 13.87 9.57
CA ASN A 184 3.15 14.25 10.71
C ASN A 184 2.28 14.50 11.98
N SER A 185 1.29 13.62 12.19
CA SER A 185 0.23 13.79 13.21
C SER A 185 0.18 12.55 14.10
N PRO A 186 1.17 12.40 15.01
CA PRO A 186 1.15 11.28 15.98
C PRO A 186 -0.14 11.11 16.83
N ASP A 187 -0.81 12.20 17.23
CA ASP A 187 -2.07 12.09 17.98
C ASP A 187 -3.18 11.36 17.20
N ARG A 188 -3.42 11.71 15.93
CA ARG A 188 -4.40 10.97 15.07
C ARG A 188 -3.94 9.55 14.66
N ALA A 189 -2.67 9.40 14.34
CA ALA A 189 -2.13 8.10 14.08
C ALA A 189 -2.46 7.15 15.23
N CYS A 190 -2.24 7.61 16.47
CA CYS A 190 -2.45 6.75 17.67
C CYS A 190 -3.93 6.55 18.01
N ARG A 191 -4.76 7.58 17.87
CA ARG A 191 -6.20 7.46 18.17
C ARG A 191 -6.80 6.42 17.20
N LEU A 192 -6.40 6.52 15.92
CA LEU A 192 -6.90 5.59 14.89
C LEU A 192 -6.46 4.16 15.16
N ALA A 193 -5.16 3.98 15.35
CA ALA A 193 -4.59 2.64 15.60
C ALA A 193 -5.18 2.01 16.87
N LYS A 194 -5.20 2.75 17.97
CA LYS A 194 -5.82 2.28 19.23
C LYS A 194 -7.27 1.85 19.06
N ALA A 195 -8.04 2.61 18.27
CA ALA A 195 -9.46 2.33 18.10
C ALA A 195 -9.74 1.05 17.29
N ALA A 196 -8.96 0.86 16.22
CA ALA A 196 -9.06 -0.29 15.33
C ALA A 196 -8.69 -1.60 16.06
N PHE A 197 -7.60 -1.57 16.82
CA PHE A 197 -7.28 -2.65 17.74
C PHE A 197 -8.46 -2.88 18.69
N ASP A 198 -8.85 -1.84 19.41
CA ASP A 198 -9.86 -2.03 20.43
C ASP A 198 -11.15 -2.61 19.86
N ASP A 199 -11.56 -2.13 18.69
CA ASP A 199 -12.77 -2.61 18.03
C ASP A 199 -12.71 -4.06 17.62
N ALA A 200 -11.52 -4.53 17.26
CA ALA A 200 -11.37 -5.94 16.97
C ALA A 200 -11.33 -6.80 18.26
N ILE A 201 -10.76 -6.27 19.33
CA ILE A 201 -10.77 -6.99 20.61
C ILE A 201 -12.19 -7.12 21.16
N ALA A 202 -13.02 -6.09 20.99
CA ALA A 202 -14.43 -6.12 21.44
C ALA A 202 -15.30 -7.11 20.68
N GLU A 203 -14.84 -7.61 19.54
CA GLU A 203 -15.63 -8.50 18.71
C GLU A 203 -14.79 -9.65 18.12
N LEU A 204 -13.92 -10.25 18.92
CA LEU A 204 -13.09 -11.39 18.47
C LEU A 204 -13.84 -12.62 17.98
N ASP A 205 -15.05 -12.86 18.46
CA ASP A 205 -15.96 -13.84 17.83
C ASP A 205 -16.14 -13.64 16.29
N THR A 206 -16.07 -12.40 15.81
CA THR A 206 -16.22 -12.11 14.37
C THR A 206 -15.04 -12.54 13.46
N LEU A 207 -13.92 -13.00 14.05
CA LEU A 207 -12.79 -13.55 13.29
C LEU A 207 -13.21 -14.76 12.44
N SER A 208 -12.94 -14.63 11.14
CA SER A 208 -13.17 -15.69 10.16
C SER A 208 -12.12 -16.82 10.34
N GLU A 209 -12.54 -18.05 10.04
CA GLU A 209 -11.64 -19.20 9.85
C GLU A 209 -10.58 -18.94 8.75
N GLU A 210 -11.00 -18.23 7.71
CA GLU A 210 -10.19 -17.92 6.52
C GLU A 210 -9.02 -16.99 6.83
N SER A 211 -9.18 -16.08 7.78
CA SER A 211 -8.28 -14.95 7.92
C SER A 211 -7.87 -14.57 9.37
N TYR A 212 -8.03 -15.47 10.35
CA TYR A 212 -7.61 -15.12 11.70
C TYR A 212 -6.08 -14.88 11.88
N LYS A 213 -5.23 -15.59 11.15
CA LYS A 213 -3.76 -15.36 11.27
C LYS A 213 -3.37 -13.97 10.72
N ASP A 214 -3.97 -13.63 9.58
CA ASP A 214 -3.84 -12.32 8.95
C ASP A 214 -4.25 -11.20 9.87
N SER A 215 -5.47 -11.30 10.42
CA SER A 215 -5.99 -10.37 11.43
C SER A 215 -5.10 -10.28 12.66
N THR A 216 -4.82 -11.42 13.30
CA THR A 216 -3.86 -11.49 14.39
C THR A 216 -2.61 -10.70 14.09
N LEU A 217 -2.00 -11.02 12.95
CA LEU A 217 -0.77 -10.35 12.59
C LEU A 217 -1.00 -8.87 12.49
N ILE A 218 -2.07 -8.44 11.83
CA ILE A 218 -2.28 -6.99 11.62
C ILE A 218 -2.36 -6.30 13.00
N MET A 219 -3.05 -6.94 13.94
CA MET A 219 -3.20 -6.39 15.29
C MET A 219 -1.90 -6.36 16.06
N GLN A 220 -1.09 -7.39 15.86
CA GLN A 220 0.26 -7.34 16.35
C GLN A 220 0.93 -6.06 15.78
N LEU A 221 0.81 -5.81 14.48
CA LEU A 221 1.47 -4.66 13.89
C LEU A 221 0.94 -3.35 14.41
N LEU A 222 -0.36 -3.29 14.64
CA LEU A 222 -0.98 -2.09 15.25
C LEU A 222 -0.31 -1.81 16.59
N ARG A 223 -0.24 -2.86 17.42
CA ARG A 223 0.45 -2.83 18.72
C ARG A 223 1.90 -2.36 18.59
N ASP A 224 2.65 -2.92 17.66
CA ASP A 224 4.07 -2.56 17.50
C ASP A 224 4.26 -1.07 17.15
N ASN A 225 3.45 -0.54 16.24
CA ASN A 225 3.46 0.91 15.96
C ASN A 225 3.07 1.82 17.11
N LEU A 226 2.12 1.42 17.95
CA LEU A 226 1.71 2.27 19.09
C LEU A 226 2.83 2.44 20.07
N THR A 227 3.51 1.33 20.36
CA THR A 227 4.79 1.31 21.06
C THR A 227 5.73 2.33 20.39
N LEU A 228 6.18 2.04 19.17
CA LEU A 228 7.08 2.93 18.39
C LEU A 228 6.76 4.42 18.54
N TRP A 229 5.46 4.75 18.50
CA TRP A 229 5.00 6.13 18.49
C TRP A 229 4.83 6.78 19.88
N THR A 230 5.08 6.04 20.97
CA THR A 230 4.84 6.52 22.35
C THR A 230 5.90 5.99 23.35
N SER B 1 7.95 3.01 11.25
CA SER B 1 6.53 2.54 11.16
C SER B 1 6.35 1.43 10.13
N ILE B 2 5.68 0.34 10.54
CA ILE B 2 5.51 -0.85 9.72
C ILE B 2 4.11 -0.83 9.13
N SEP B 3 4.00 -1.07 7.82
CA SEP B 3 2.70 -1.16 7.15
CB SEP B 3 2.78 -0.32 5.87
OG SEP B 3 3.68 -0.91 4.94
C SEP B 3 2.36 -2.61 6.89
O SEP B 3 3.18 -3.48 7.10
P SEP B 3 3.78 -0.26 3.46
O1P SEP B 3 4.30 1.11 3.74
O2P SEP B 3 4.85 -1.09 2.82
O3P SEP B 3 2.39 -0.40 2.85
N ARG B 4 1.13 -2.89 6.46
CA ARG B 4 0.73 -4.23 6.10
C ARG B 4 1.46 -4.66 4.82
#